data_5KX9
#
_entry.id   5KX9
#
_cell.length_a   71.280
_cell.length_b   71.280
_cell.length_c   138.930
_cell.angle_alpha   90.00
_cell.angle_beta   90.00
_cell.angle_gamma   120.00
#
_symmetry.space_group_name_H-M   'P 31 2 1'
#
loop_
_entity.id
_entity.type
_entity.pdbx_description
1 polymer 'FMN Riboswitch'
2 polymer 'FMN Riboswitch'
3 non-polymer 'POTASSIUM ION'
4 non-polymer 'MAGNESIUM ION'
5 non-polymer (6P)-2-{(3S)-1-[(2-methoxypyrimidin-5-yl)methyl]piperidin-3-yl}-6-(thiophen-2-yl)pyrimidin-4-ol
#
loop_
_entity_poly.entity_id
_entity_poly.type
_entity_poly.pdbx_seq_one_letter_code
_entity_poly.pdbx_strand_id
1 'polyribonucleotide' GGAUCUUCGGGGCAGGGUGAAAUUCCCGACCGGUGGUAUAGUCCACGAAAGCUU X
2 'polyribonucleotide' GCUUUGAUUUGGUGAAAUUCCAAAACCGACAGUAGAGUCUGGAUGAGAGAAGAUUC Y
#